data_4UCE
#
_entry.id   4UCE
#
_cell.length_a   34.050
_cell.length_b   71.350
_cell.length_c   178.400
_cell.angle_alpha   90.00
_cell.angle_beta   90.00
_cell.angle_gamma   90.00
#
_symmetry.space_group_name_H-M   'P 21 21 21'
#
loop_
_entity.id
_entity.type
_entity.pdbx_description
1 polymer NUCLEOPROTEIN
2 non-polymer '1-[(4-fluorophenyl)methyl]pyrazole-3,5-dicarboxylic acid'
3 non-polymer 'SULFATE ION'
4 water water
#
_entity_poly.entity_id   1
_entity_poly.type   'polypeptide(L)'
_entity_poly.pdbx_seq_one_letter_code
;MGSDSIDTPNYDVQKHINKLCGMLLITEDANHKFTGLIGMLYAMSRLGREDTIKILRDAGYHVKANGVDVTTHRQDINGK
EMKFEVLTLASLTTEIQINIEIESRKSYKKMLKEMGEVAPEYRHDSPDCGMIILCIAALVITKLAAGDRSGLTAVIRRAN
NVLKNEMKRYKGLLPKDIANSFYEVFEKHPHFIDVFVHFGIAQSSTRGGSRVEGIFAGLFMNAYGLEHHHHHH
;
_entity_poly.pdbx_strand_id   A,B
#
loop_
_chem_comp.id
_chem_comp.type
_chem_comp.name
_chem_comp.formula
MZS non-polymer '1-[(4-fluorophenyl)methyl]pyrazole-3,5-dicarboxylic acid' 'C12 H9 F N2 O4'
SO4 non-polymer 'SULFATE ION' 'O4 S -2'
#
# COMPACT_ATOMS: atom_id res chain seq x y z
N SER A 5 15.48 14.90 -30.90
CA SER A 5 15.09 15.94 -29.94
C SER A 5 15.02 15.43 -28.50
N ILE A 6 16.06 15.77 -27.68
CA ILE A 6 16.17 15.35 -26.27
C ILE A 6 16.10 16.54 -25.31
N ASP A 7 15.23 16.43 -24.29
CA ASP A 7 15.06 17.48 -23.27
C ASP A 7 16.29 17.46 -22.40
N THR A 8 16.89 18.64 -22.18
CA THR A 8 18.09 18.75 -21.36
C THR A 8 17.82 19.76 -20.25
N PRO A 9 17.16 19.32 -19.16
CA PRO A 9 16.86 20.26 -18.06
C PRO A 9 18.12 20.76 -17.35
N ASN A 10 18.13 22.02 -16.96
CA ASN A 10 19.25 22.60 -16.24
C ASN A 10 18.96 22.62 -14.73
N TYR A 11 19.91 23.13 -13.92
CA TYR A 11 19.82 23.17 -12.47
C TYR A 11 18.57 23.88 -11.96
N ASP A 12 18.13 24.93 -12.67
CA ASP A 12 16.98 25.76 -12.35
C ASP A 12 15.64 25.01 -12.26
N VAL A 13 15.48 23.82 -12.92
CA VAL A 13 14.18 23.11 -12.88
C VAL A 13 14.23 21.83 -12.02
N GLN A 14 15.35 21.63 -11.31
CA GLN A 14 15.59 20.49 -10.42
C GLN A 14 14.52 20.40 -9.34
N LYS A 15 14.15 21.53 -8.68
CA LYS A 15 13.13 21.63 -7.63
C LYS A 15 11.79 21.19 -8.19
N HIS A 16 11.44 21.65 -9.43
CA HIS A 16 10.20 21.30 -10.09
C HIS A 16 10.11 19.82 -10.38
N ILE A 17 11.17 19.23 -10.95
CA ILE A 17 11.20 17.80 -11.28
C ILE A 17 11.14 16.97 -10.02
N ASN A 18 11.79 17.42 -8.94
CA ASN A 18 11.76 16.71 -7.66
C ASN A 18 10.30 16.61 -7.17
N LYS A 19 9.54 17.75 -7.25
CA LYS A 19 8.13 17.89 -6.86
C LYS A 19 7.26 16.96 -7.71
N LEU A 20 7.54 16.84 -9.02
CA LEU A 20 6.85 15.96 -9.95
C LEU A 20 7.04 14.49 -9.53
N CYS A 21 8.25 14.13 -9.13
CA CYS A 21 8.55 12.81 -8.57
C CYS A 21 7.70 12.59 -7.29
N GLY A 22 7.69 13.58 -6.41
CA GLY A 22 6.95 13.55 -5.16
C GLY A 22 5.45 13.42 -5.31
N MET A 23 4.90 14.07 -6.36
CA MET A 23 3.47 14.01 -6.69
C MET A 23 3.07 12.60 -7.04
N LEU A 24 3.92 11.86 -7.79
CA LEU A 24 3.66 10.46 -8.12
C LEU A 24 3.78 9.58 -6.85
N LEU A 25 4.80 9.85 -6.00
CA LEU A 25 5.04 9.10 -4.77
C LEU A 25 3.91 9.20 -3.77
N ILE A 26 3.17 10.31 -3.73
CA ILE A 26 2.04 10.44 -2.80
C ILE A 26 0.72 9.93 -3.43
N THR A 27 0.73 9.57 -4.73
CA THR A 27 -0.51 9.12 -5.40
C THR A 27 -0.79 7.64 -5.15
N GLU A 28 -1.96 7.37 -4.57
CA GLU A 28 -2.46 6.04 -4.32
C GLU A 28 -2.69 5.39 -5.69
N ASP A 29 -2.12 4.19 -5.90
CA ASP A 29 -2.24 3.45 -7.15
C ASP A 29 -1.85 4.33 -8.36
N ALA A 30 -0.71 5.05 -8.22
CA ALA A 30 -0.15 5.94 -9.23
C ALA A 30 0.18 5.21 -10.52
N ASN A 31 0.00 5.88 -11.67
CA ASN A 31 0.37 5.29 -12.95
C ASN A 31 1.81 5.72 -13.19
N HIS A 32 2.70 4.74 -13.18
CA HIS A 32 4.13 4.94 -13.29
C HIS A 32 4.68 4.83 -14.70
N LYS A 33 3.82 4.96 -15.74
CA LYS A 33 4.19 4.92 -17.15
C LYS A 33 5.30 5.93 -17.51
N PHE A 34 5.28 7.11 -16.88
CA PHE A 34 6.25 8.15 -17.19
C PHE A 34 7.34 8.36 -16.15
N THR A 35 7.34 7.55 -15.07
CA THR A 35 8.29 7.65 -13.96
C THR A 35 9.75 7.44 -14.39
N GLY A 36 9.99 6.47 -15.28
CA GLY A 36 11.32 6.21 -15.82
C GLY A 36 11.88 7.46 -16.49
N LEU A 37 11.05 8.13 -17.30
CA LEU A 37 11.43 9.36 -17.99
C LEU A 37 11.62 10.54 -17.02
N ILE A 38 10.69 10.71 -16.08
CA ILE A 38 10.72 11.77 -15.07
C ILE A 38 11.96 11.60 -14.18
N GLY A 39 12.26 10.36 -13.79
CA GLY A 39 13.45 10.05 -13.01
C GLY A 39 14.72 10.44 -13.74
N MET A 40 14.77 10.13 -15.06
CA MET A 40 15.89 10.48 -15.96
C MET A 40 16.03 11.97 -16.14
N LEU A 41 14.90 12.70 -16.17
CA LEU A 41 14.89 14.15 -16.26
C LEU A 41 15.48 14.72 -14.97
N TYR A 42 15.13 14.14 -13.79
CA TYR A 42 15.69 14.57 -12.51
C TYR A 42 17.21 14.41 -12.50
N ALA A 43 17.73 13.24 -12.94
CA ALA A 43 19.16 12.97 -13.02
C ALA A 43 19.88 14.00 -13.90
N MET A 44 19.29 14.34 -15.07
CA MET A 44 19.84 15.33 -16.00
C MET A 44 19.85 16.75 -15.42
N SER A 45 18.82 17.13 -14.61
CA SER A 45 18.76 18.43 -13.95
C SER A 45 19.80 18.52 -12.84
N ARG A 46 20.19 17.36 -12.26
CA ARG A 46 21.22 17.25 -11.23
C ARG A 46 22.61 17.37 -11.89
N LEU A 47 22.79 16.79 -13.08
CA LEU A 47 24.03 16.84 -13.85
C LEU A 47 24.19 18.20 -14.48
N GLY A 48 23.08 18.82 -14.85
CA GLY A 48 23.04 20.12 -15.51
C GLY A 48 23.00 19.98 -17.01
N ARG A 49 22.44 20.96 -17.71
CA ARG A 49 22.35 20.97 -19.19
C ARG A 49 23.72 20.74 -19.87
N GLU A 50 24.75 21.50 -19.48
CA GLU A 50 26.12 21.44 -20.01
C GLU A 50 26.71 20.02 -19.97
N ASP A 51 26.74 19.41 -18.79
CA ASP A 51 27.26 18.07 -18.58
C ASP A 51 26.45 17.03 -19.31
N THR A 52 25.12 17.16 -19.35
CA THR A 52 24.23 16.22 -20.05
C THR A 52 24.54 16.17 -21.54
N ILE A 53 24.64 17.34 -22.20
CA ILE A 53 24.93 17.45 -23.63
C ILE A 53 26.33 16.88 -23.91
N LYS A 54 27.30 17.14 -23.00
CA LYS A 54 28.67 16.64 -23.08
C LYS A 54 28.69 15.12 -23.06
N ILE A 55 27.95 14.49 -22.11
CA ILE A 55 27.86 13.03 -21.97
C ILE A 55 27.32 12.39 -23.24
N LEU A 56 26.20 12.88 -23.77
CA LEU A 56 25.57 12.35 -24.98
C LEU A 56 26.46 12.48 -26.21
N ARG A 57 27.04 13.67 -26.44
CA ARG A 57 27.92 13.90 -27.57
C ARG A 57 29.17 13.02 -27.49
N ASP A 58 29.73 12.86 -26.27
CA ASP A 58 30.91 12.02 -26.03
C ASP A 58 30.60 10.56 -26.23
N ALA A 59 29.36 10.15 -25.90
CA ALA A 59 28.94 8.76 -26.07
C ALA A 59 28.59 8.43 -27.54
N GLY A 60 28.70 9.43 -28.42
CA GLY A 60 28.45 9.26 -29.85
C GLY A 60 27.04 9.57 -30.32
N TYR A 61 26.13 9.94 -29.40
CA TYR A 61 24.73 10.27 -29.75
C TYR A 61 24.67 11.68 -30.35
N HIS A 62 23.85 11.90 -31.38
CA HIS A 62 23.71 13.27 -31.91
C HIS A 62 22.50 13.93 -31.28
N VAL A 63 22.69 15.12 -30.68
CA VAL A 63 21.62 15.70 -29.87
C VAL A 63 21.15 17.10 -30.29
N LYS A 64 19.81 17.21 -30.38
CA LYS A 64 19.04 18.43 -30.63
C LYS A 64 18.51 18.77 -29.25
N ALA A 65 19.23 19.65 -28.54
CA ALA A 65 18.90 20.02 -27.16
C ALA A 65 17.69 20.93 -27.04
N ASN A 66 16.70 20.50 -26.23
CA ASN A 66 15.49 21.26 -25.95
C ASN A 66 15.59 21.90 -24.58
N GLY A 67 15.49 23.23 -24.53
CA GLY A 67 15.52 24.02 -23.31
C GLY A 67 14.31 23.75 -22.45
N VAL A 68 14.50 23.58 -21.14
CA VAL A 68 13.39 23.26 -20.25
C VAL A 68 13.11 24.43 -19.32
N ASP A 69 11.91 25.02 -19.44
CA ASP A 69 11.50 26.18 -18.64
C ASP A 69 10.18 25.88 -17.94
N VAL A 70 9.90 26.64 -16.86
CA VAL A 70 8.65 26.54 -16.12
C VAL A 70 7.67 27.55 -16.71
N THR A 71 6.47 27.09 -17.10
CA THR A 71 5.40 27.94 -17.62
C THR A 71 4.10 27.70 -16.86
N THR A 72 3.25 28.75 -16.79
CA THR A 72 1.97 28.69 -16.10
C THR A 72 0.89 28.38 -17.13
N HIS A 73 0.18 27.29 -16.92
CA HIS A 73 -0.90 26.82 -17.78
C HIS A 73 -2.22 26.91 -17.07
N ARG A 74 -3.18 27.60 -17.69
CA ARG A 74 -4.52 27.81 -17.17
C ARG A 74 -5.42 26.73 -17.76
N GLN A 75 -6.07 25.94 -16.89
CA GLN A 75 -6.96 24.85 -17.31
C GLN A 75 -8.17 24.73 -16.39
N ASP A 76 -9.33 24.48 -17.00
CA ASP A 76 -10.62 24.35 -16.33
C ASP A 76 -10.85 22.91 -15.91
N ILE A 77 -10.87 22.70 -14.56
CA ILE A 77 -11.08 21.39 -13.95
C ILE A 77 -12.19 21.47 -12.95
N ASN A 78 -13.31 20.78 -13.28
CA ASN A 78 -14.57 20.70 -12.53
C ASN A 78 -15.25 22.09 -12.39
N GLY A 79 -15.24 22.85 -13.48
CA GLY A 79 -15.84 24.19 -13.56
C GLY A 79 -14.95 25.33 -13.15
N LYS A 80 -14.05 25.07 -12.16
CA LYS A 80 -13.06 26.00 -11.60
C LYS A 80 -11.80 26.09 -12.48
N GLU A 81 -11.38 27.32 -12.82
CA GLU A 81 -10.18 27.63 -13.59
C GLU A 81 -9.01 27.48 -12.66
N MET A 82 -7.99 26.73 -13.09
CA MET A 82 -6.82 26.43 -12.26
C MET A 82 -5.54 26.76 -12.96
N LYS A 83 -4.56 27.25 -12.20
CA LYS A 83 -3.23 27.60 -12.67
C LYS A 83 -2.26 26.48 -12.30
N PHE A 84 -1.57 25.94 -13.31
CA PHE A 84 -0.64 24.87 -13.11
C PHE A 84 0.73 25.27 -13.56
N GLU A 85 1.75 24.92 -12.78
CA GLU A 85 3.13 25.18 -13.14
C GLU A 85 3.58 23.92 -13.85
N VAL A 86 3.93 24.06 -15.14
CA VAL A 86 4.35 22.93 -15.98
C VAL A 86 5.74 23.17 -16.59
N LEU A 87 6.40 22.09 -17.05
CA LEU A 87 7.68 22.22 -17.70
C LEU A 87 7.51 22.08 -19.19
N THR A 88 8.29 22.82 -19.96
CA THR A 88 8.26 22.76 -21.42
C THR A 88 9.10 21.56 -21.82
N LEU A 89 8.45 20.41 -21.99
CA LEU A 89 9.09 19.14 -22.31
C LEU A 89 8.53 18.53 -23.60
N ALA A 90 9.42 18.21 -24.55
CA ALA A 90 9.01 17.58 -25.79
C ALA A 90 8.58 16.12 -25.55
N SER A 91 9.17 15.50 -24.52
CA SER A 91 8.93 14.12 -24.08
C SER A 91 7.73 13.92 -23.17
N LEU A 92 7.18 15.01 -22.56
CA LEU A 92 6.08 14.94 -21.62
C LEU A 92 5.08 16.09 -21.80
N THR A 93 3.89 15.78 -22.30
CA THR A 93 2.85 16.80 -22.58
C THR A 93 2.35 17.55 -21.33
N THR A 94 1.77 18.75 -21.54
CA THR A 94 1.17 19.62 -20.52
C THR A 94 0.04 18.86 -19.85
N GLU A 95 -0.80 18.17 -20.66
CA GLU A 95 -1.94 17.33 -20.26
C GLU A 95 -1.48 16.25 -19.22
N ILE A 96 -0.40 15.47 -19.53
CA ILE A 96 0.15 14.43 -18.66
C ILE A 96 0.60 15.02 -17.33
N GLN A 97 1.34 16.12 -17.39
CA GLN A 97 1.87 16.79 -16.21
C GLN A 97 0.76 17.26 -15.29
N ILE A 98 -0.28 17.91 -15.88
CA ILE A 98 -1.43 18.42 -15.13
C ILE A 98 -2.22 17.29 -14.48
N ASN A 99 -2.44 16.16 -15.21
CA ASN A 99 -3.13 14.98 -14.70
C ASN A 99 -2.37 14.33 -13.54
N ILE A 100 -1.03 14.37 -13.56
CA ILE A 100 -0.22 13.88 -12.45
C ILE A 100 -0.53 14.76 -11.23
N GLU A 101 -0.55 16.11 -11.42
CA GLU A 101 -0.86 17.04 -10.31
C GLU A 101 -2.28 16.87 -9.79
N ILE A 102 -3.28 16.72 -10.68
CA ILE A 102 -4.69 16.52 -10.29
C ILE A 102 -4.85 15.29 -9.40
N GLU A 103 -4.37 14.12 -9.85
CA GLU A 103 -4.42 12.86 -9.12
C GLU A 103 -3.71 12.93 -7.75
N SER A 104 -2.53 13.63 -7.67
CA SER A 104 -1.80 13.78 -6.42
C SER A 104 -2.53 14.68 -5.43
N ARG A 105 -3.21 15.74 -5.92
CA ARG A 105 -4.03 16.64 -5.08
C ARG A 105 -5.21 15.89 -4.45
N LYS A 106 -5.79 14.90 -5.19
CA LYS A 106 -6.86 14.03 -4.72
C LYS A 106 -6.34 13.14 -3.57
N SER A 107 -5.15 12.52 -3.74
CA SER A 107 -4.50 11.70 -2.73
C SER A 107 -4.14 12.53 -1.50
N TYR A 108 -3.61 13.75 -1.72
CA TYR A 108 -3.22 14.66 -0.66
C TYR A 108 -4.41 15.02 0.25
N LYS A 109 -5.57 15.35 -0.37
CA LYS A 109 -6.78 15.70 0.37
C LYS A 109 -7.28 14.54 1.22
N LYS A 110 -7.14 13.30 0.71
CA LYS A 110 -7.50 12.06 1.40
C LYS A 110 -6.59 11.87 2.64
N MET A 111 -5.28 12.23 2.50
CA MET A 111 -4.27 12.20 3.57
C MET A 111 -4.65 13.20 4.65
N LEU A 112 -5.05 14.46 4.27
CA LEU A 112 -5.50 15.49 5.24
C LEU A 112 -6.67 14.94 6.07
N LYS A 113 -7.64 14.32 5.39
CA LYS A 113 -8.80 13.70 5.99
C LYS A 113 -8.39 12.56 6.97
N GLU A 114 -7.26 11.89 6.69
CA GLU A 114 -6.78 10.79 7.52
C GLU A 114 -5.90 11.22 8.72
N MET A 115 -4.96 12.16 8.53
CA MET A 115 -4.02 12.54 9.59
C MET A 115 -3.85 14.04 9.89
N GLY A 116 -4.68 14.89 9.28
CA GLY A 116 -4.53 16.33 9.43
C GLY A 116 -3.40 16.81 8.55
N GLU A 117 -2.81 17.98 8.83
CA GLU A 117 -1.69 18.50 8.02
C GLU A 117 -0.57 17.51 7.93
N VAL A 118 0.03 17.41 6.76
CA VAL A 118 1.04 16.40 6.42
C VAL A 118 2.49 16.79 6.81
N ALA A 119 3.23 15.91 7.54
CA ALA A 119 4.62 16.11 7.97
C ALA A 119 5.52 16.26 6.74
N PRO A 120 6.61 17.09 6.81
CA PRO A 120 7.46 17.28 5.62
C PRO A 120 7.85 16.03 4.83
N GLU A 121 8.22 14.95 5.53
CA GLU A 121 8.67 13.68 4.96
C GLU A 121 7.57 12.88 4.24
N TYR A 122 6.30 13.25 4.43
CA TYR A 122 5.18 12.57 3.79
C TYR A 122 4.60 13.36 2.61
N ARG A 123 5.15 14.56 2.35
CA ARG A 123 4.71 15.46 1.31
C ARG A 123 5.38 15.18 -0.01
N HIS A 124 4.77 15.67 -1.10
CA HIS A 124 5.23 15.59 -2.49
C HIS A 124 6.46 16.46 -2.71
N ASP A 125 6.70 17.47 -1.84
CA ASP A 125 7.83 18.40 -2.02
C ASP A 125 9.01 18.13 -1.07
N SER A 126 9.06 16.91 -0.48
CA SER A 126 10.16 16.52 0.38
C SER A 126 11.39 16.49 -0.52
N PRO A 127 12.52 17.05 -0.08
CA PRO A 127 13.69 17.18 -0.97
C PRO A 127 14.31 15.88 -1.50
N ASP A 128 13.97 14.72 -0.92
CA ASP A 128 14.54 13.43 -1.37
C ASP A 128 13.67 12.61 -2.36
N CYS A 129 12.51 13.11 -2.80
CA CYS A 129 11.61 12.40 -3.72
C CYS A 129 12.26 11.93 -5.02
N GLY A 130 12.99 12.82 -5.70
CA GLY A 130 13.70 12.47 -6.91
C GLY A 130 14.67 11.33 -6.69
N MET A 131 15.48 11.42 -5.60
CA MET A 131 16.44 10.38 -5.24
C MET A 131 15.79 9.04 -4.90
N ILE A 132 14.57 9.06 -4.32
CA ILE A 132 13.85 7.86 -3.98
C ILE A 132 13.52 7.09 -5.28
N ILE A 133 13.13 7.83 -6.32
CA ILE A 133 12.83 7.27 -7.64
C ILE A 133 14.13 6.70 -8.23
N LEU A 134 15.23 7.45 -8.14
CA LEU A 134 16.52 7.03 -8.68
C LEU A 134 17.11 5.80 -7.96
N CYS A 135 16.65 5.48 -6.76
CA CYS A 135 17.06 4.26 -6.06
C CYS A 135 16.54 3.00 -6.79
N ILE A 136 15.34 3.08 -7.36
CA ILE A 136 14.79 1.98 -8.15
C ILE A 136 15.65 1.85 -9.43
N ALA A 137 15.99 3.01 -10.11
CA ALA A 137 16.83 3.07 -11.31
C ALA A 137 18.18 2.37 -11.04
N ALA A 138 18.77 2.62 -9.84
CA ALA A 138 20.02 1.99 -9.39
C ALA A 138 19.88 0.49 -9.31
N LEU A 139 18.71 -0.04 -8.91
CA LEU A 139 18.51 -1.48 -8.80
C LEU A 139 18.37 -2.11 -10.17
N VAL A 140 17.66 -1.44 -11.10
CA VAL A 140 17.46 -1.87 -12.47
C VAL A 140 18.81 -1.95 -13.22
N ILE A 141 19.67 -0.92 -13.01
CA ILE A 141 21.00 -0.82 -13.65
C ILE A 141 21.90 -2.01 -13.30
N THR A 142 21.80 -2.48 -12.05
CA THR A 142 22.52 -3.65 -11.55
C THR A 142 22.10 -4.90 -12.31
N LYS A 143 20.79 -5.10 -12.49
CA LYS A 143 20.24 -6.28 -13.17
C LYS A 143 20.38 -6.23 -14.69
N LEU A 144 20.65 -5.02 -15.26
CA LEU A 144 20.89 -4.86 -16.70
C LEU A 144 22.39 -5.12 -16.95
N ALA A 145 23.23 -4.98 -15.89
CA ALA A 145 24.69 -5.20 -15.90
C ALA A 145 25.00 -6.65 -15.58
N ARG A 149 14.67 -8.65 -18.85
CA ARG A 149 13.84 -8.20 -17.72
C ARG A 149 13.66 -9.28 -16.65
N SER A 150 14.52 -10.32 -16.71
CA SER A 150 14.52 -11.47 -15.80
C SER A 150 14.77 -11.12 -14.33
N GLY A 151 15.63 -10.12 -14.09
CA GLY A 151 15.99 -9.65 -12.76
C GLY A 151 14.95 -8.77 -12.08
N LEU A 152 13.72 -8.61 -12.67
CA LEU A 152 12.63 -7.81 -12.12
C LEU A 152 12.15 -8.28 -10.72
N THR A 153 11.98 -9.60 -10.48
CA THR A 153 11.58 -10.10 -9.16
C THR A 153 12.59 -9.72 -8.08
N ALA A 154 13.92 -9.81 -8.41
CA ALA A 154 15.00 -9.49 -7.51
C ALA A 154 15.02 -7.99 -7.23
N VAL A 155 14.64 -7.16 -8.23
CA VAL A 155 14.60 -5.72 -8.05
C VAL A 155 13.54 -5.40 -6.98
N ILE A 156 12.31 -5.96 -7.12
CA ILE A 156 11.18 -5.77 -6.18
C ILE A 156 11.56 -6.24 -4.77
N ARG A 157 12.16 -7.42 -4.63
CA ARG A 157 12.52 -7.97 -3.31
C ARG A 157 13.62 -7.18 -2.67
N ARG A 158 14.61 -6.73 -3.45
CA ARG A 158 15.69 -5.92 -2.91
C ARG A 158 15.16 -4.55 -2.52
N ALA A 159 14.22 -3.97 -3.33
CA ALA A 159 13.53 -2.70 -3.08
C ALA A 159 12.69 -2.68 -1.81
N ASN A 160 11.93 -3.74 -1.49
CA ASN A 160 11.07 -3.81 -0.30
C ASN A 160 11.86 -3.80 1.01
N ASN A 161 13.12 -4.30 0.97
CA ASN A 161 14.01 -4.34 2.12
C ASN A 161 14.78 -3.03 2.23
N VAL A 162 15.55 -2.67 1.19
CA VAL A 162 16.36 -1.45 1.22
C VAL A 162 15.48 -0.15 1.28
N LEU A 163 14.27 -0.14 0.67
CA LEU A 163 13.45 1.05 0.72
C LEU A 163 12.18 0.90 1.58
N LYS A 164 12.32 0.21 2.72
CA LYS A 164 11.23 -0.01 3.66
C LYS A 164 10.73 1.27 4.31
N ASN A 165 11.63 2.21 4.72
CA ASN A 165 11.22 3.47 5.36
C ASN A 165 10.53 4.37 4.37
N GLU A 166 11.04 4.41 3.14
CA GLU A 166 10.54 5.24 2.03
C GLU A 166 9.18 4.77 1.54
N MET A 167 8.96 3.42 1.50
CA MET A 167 7.69 2.80 1.10
C MET A 167 6.62 3.11 2.16
N LYS A 168 7.04 3.20 3.43
CA LYS A 168 6.18 3.53 4.57
C LYS A 168 5.72 5.00 4.47
N ARG A 169 6.62 5.88 3.98
CA ARG A 169 6.38 7.31 3.78
C ARG A 169 5.50 7.56 2.55
N TYR A 170 5.65 6.76 1.47
CA TYR A 170 4.96 7.02 0.19
C TYR A 170 4.11 5.88 -0.37
N LYS A 171 2.78 6.13 -0.47
CA LYS A 171 1.78 5.19 -1.00
C LYS A 171 2.02 4.81 -2.49
N GLY A 172 2.53 5.76 -3.27
CA GLY A 172 2.86 5.60 -4.68
C GLY A 172 4.23 4.99 -4.95
N LEU A 173 5.00 4.62 -3.89
CA LEU A 173 6.29 3.95 -4.10
C LEU A 173 5.95 2.47 -4.34
N LEU A 174 5.72 2.14 -5.64
CA LEU A 174 5.33 0.81 -6.10
C LEU A 174 6.52 0.26 -6.90
N PRO A 175 7.41 -0.54 -6.24
CA PRO A 175 8.64 -1.00 -6.92
C PRO A 175 8.45 -1.69 -8.26
N LYS A 176 7.45 -2.58 -8.40
CA LYS A 176 7.17 -3.32 -9.64
C LYS A 176 6.93 -2.35 -10.82
N ASP A 177 6.04 -1.36 -10.62
CA ASP A 177 5.68 -0.37 -11.63
C ASP A 177 6.84 0.54 -11.97
N ILE A 178 7.54 1.04 -10.95
CA ILE A 178 8.68 1.94 -11.14
C ILE A 178 9.82 1.22 -11.87
N ALA A 179 10.18 -0.02 -11.46
CA ALA A 179 11.23 -0.82 -12.09
C ALA A 179 10.90 -1.12 -13.55
N ASN A 180 9.62 -1.46 -13.85
CA ASN A 180 9.17 -1.71 -15.21
C ASN A 180 9.34 -0.44 -16.06
N SER A 181 9.00 0.74 -15.50
CA SER A 181 9.15 2.04 -16.19
C SER A 181 10.61 2.31 -16.52
N PHE A 182 11.55 1.97 -15.60
CA PHE A 182 12.98 2.17 -15.84
C PHE A 182 13.52 1.18 -16.86
N TYR A 183 13.11 -0.11 -16.79
CA TYR A 183 13.49 -1.15 -17.74
C TYR A 183 13.10 -0.70 -19.14
N GLU A 184 11.84 -0.23 -19.27
CA GLU A 184 11.28 0.32 -20.49
C GLU A 184 12.12 1.49 -21.04
N VAL A 185 12.38 2.55 -20.21
CA VAL A 185 13.16 3.70 -20.68
C VAL A 185 14.60 3.33 -21.08
N PHE A 186 15.29 2.45 -20.35
CA PHE A 186 16.66 2.07 -20.70
C PHE A 186 16.72 1.23 -21.98
N GLU A 187 15.67 0.45 -22.26
CA GLU A 187 15.54 -0.37 -23.47
C GLU A 187 15.25 0.53 -24.67
N LYS A 188 14.23 1.40 -24.53
CA LYS A 188 13.79 2.33 -25.55
C LYS A 188 14.79 3.48 -25.83
N HIS A 189 15.40 4.05 -24.78
CA HIS A 189 16.38 5.14 -24.88
C HIS A 189 17.70 4.78 -24.20
N PRO A 190 18.54 3.91 -24.83
CA PRO A 190 19.82 3.51 -24.19
C PRO A 190 20.78 4.63 -23.78
N HIS A 191 20.64 5.83 -24.38
CA HIS A 191 21.47 6.98 -24.02
C HIS A 191 21.25 7.38 -22.54
N PHE A 192 20.10 7.01 -21.97
CA PHE A 192 19.81 7.27 -20.57
C PHE A 192 20.68 6.46 -19.62
N ILE A 193 21.17 5.30 -20.08
CA ILE A 193 22.06 4.44 -19.30
C ILE A 193 23.36 5.23 -19.06
N ASP A 194 23.93 5.85 -20.10
CA ASP A 194 25.16 6.64 -20.02
C ASP A 194 24.97 7.82 -19.09
N VAL A 195 23.83 8.50 -19.20
CA VAL A 195 23.48 9.66 -18.35
C VAL A 195 23.40 9.20 -16.89
N PHE A 196 22.66 8.09 -16.62
CA PHE A 196 22.48 7.57 -15.28
C PHE A 196 23.80 7.18 -14.65
N VAL A 197 24.67 6.49 -15.38
CA VAL A 197 25.97 6.03 -14.88
C VAL A 197 26.86 7.21 -14.49
N HIS A 198 26.99 8.28 -15.35
CA HIS A 198 27.74 9.50 -15.03
C HIS A 198 27.10 10.18 -13.83
N PHE A 199 25.74 10.26 -13.77
CA PHE A 199 25.04 10.81 -12.60
C PHE A 199 25.45 10.06 -11.31
N GLY A 200 25.36 8.74 -11.34
CA GLY A 200 25.68 7.87 -10.21
C GLY A 200 27.12 7.96 -9.76
N ILE A 201 28.09 8.05 -10.69
CA ILE A 201 29.51 8.19 -10.36
C ILE A 201 29.70 9.54 -9.65
N ALA A 202 29.13 10.62 -10.19
CA ALA A 202 29.25 11.95 -9.61
C ALA A 202 28.57 12.07 -8.25
N GLN A 203 27.36 11.47 -8.12
CA GLN A 203 26.60 11.50 -6.88
C GLN A 203 27.32 10.77 -5.75
N SER A 204 27.77 9.53 -6.00
CA SER A 204 28.39 8.65 -5.01
C SER A 204 29.71 9.16 -4.49
N SER A 205 30.19 10.28 -5.02
CA SER A 205 31.41 10.92 -4.58
C SER A 205 31.11 11.97 -3.52
N THR A 206 29.89 12.57 -3.57
CA THR A 206 29.43 13.55 -2.57
C THR A 206 29.41 12.87 -1.17
N ARG A 207 29.95 13.58 -0.17
CA ARG A 207 30.01 13.09 1.19
C ARG A 207 28.77 13.58 1.96
N GLY A 208 28.37 12.78 2.95
CA GLY A 208 27.20 13.06 3.79
C GLY A 208 25.91 13.25 3.03
N GLY A 209 25.09 14.12 3.54
CA GLY A 209 23.77 14.35 2.99
C GLY A 209 22.76 13.40 3.59
N SER A 210 21.60 13.33 2.99
CA SER A 210 20.43 12.61 3.43
C SER A 210 20.55 11.08 3.48
N ARG A 211 19.60 10.42 4.18
CA ARG A 211 19.49 8.97 4.27
C ARG A 211 19.38 8.35 2.85
N VAL A 212 18.49 8.91 2.02
CA VAL A 212 18.22 8.44 0.67
C VAL A 212 19.44 8.61 -0.23
N GLU A 213 20.18 9.75 -0.11
CA GLU A 213 21.41 9.98 -0.91
C GLU A 213 22.42 8.89 -0.56
N GLY A 214 22.45 8.50 0.70
CA GLY A 214 23.33 7.45 1.20
C GLY A 214 22.89 6.09 0.70
N ILE A 215 21.56 5.83 0.68
CA ILE A 215 21.03 4.55 0.20
C ILE A 215 21.36 4.43 -1.33
N PHE A 216 21.15 5.49 -2.07
CA PHE A 216 21.46 5.50 -3.49
C PHE A 216 22.93 5.18 -3.72
N ALA A 217 23.86 5.84 -3.01
CA ALA A 217 25.30 5.60 -3.14
C ALA A 217 25.69 4.15 -2.92
N GLY A 218 25.11 3.52 -1.89
CA GLY A 218 25.31 2.11 -1.57
C GLY A 218 24.80 1.20 -2.65
N LEU A 219 23.57 1.46 -3.14
CA LEU A 219 22.94 0.71 -4.22
C LEU A 219 23.73 0.83 -5.52
N PHE A 220 24.19 2.05 -5.87
CA PHE A 220 24.97 2.29 -7.08
C PHE A 220 26.33 1.56 -7.02
N MET A 221 27.05 1.66 -5.89
CA MET A 221 28.33 1.00 -5.65
C MET A 221 28.25 -0.54 -5.81
N ASN A 222 27.09 -1.12 -5.48
CA ASN A 222 26.78 -2.54 -5.60
C ASN A 222 26.80 -3.10 -7.06
N ALA A 223 26.62 -2.21 -8.08
CA ALA A 223 26.69 -2.54 -9.52
C ALA A 223 28.12 -2.90 -10.01
N TYR A 224 29.06 -3.00 -9.06
CA TYR A 224 30.45 -3.36 -9.30
C TYR A 224 30.87 -4.49 -8.34
N GLY A 225 30.37 -4.43 -7.10
CA GLY A 225 30.60 -5.36 -5.99
C GLY A 225 29.58 -5.19 -4.87
N SER B 5 -18.45 -17.68 29.47
CA SER B 5 -19.16 -18.19 28.28
C SER B 5 -18.57 -17.63 26.97
N ILE B 6 -17.78 -18.46 26.26
CA ILE B 6 -17.09 -18.11 25.01
C ILE B 6 -17.62 -18.91 23.82
N ASP B 7 -17.97 -18.20 22.73
CA ASP B 7 -18.46 -18.82 21.50
C ASP B 7 -17.29 -19.53 20.83
N THR B 8 -17.49 -20.79 20.45
CA THR B 8 -16.44 -21.59 19.81
C THR B 8 -16.99 -22.10 18.47
N PRO B 9 -16.94 -21.26 17.42
CA PRO B 9 -17.45 -21.69 16.11
C PRO B 9 -16.63 -22.83 15.52
N ASN B 10 -17.30 -23.78 14.85
CA ASN B 10 -16.64 -24.91 14.22
C ASN B 10 -16.47 -24.63 12.71
N TYR B 11 -15.86 -25.57 11.97
CA TYR B 11 -15.58 -25.44 10.54
C TYR B 11 -16.81 -25.14 9.70
N ASP B 12 -17.97 -25.70 10.09
CA ASP B 12 -19.25 -25.55 9.43
C ASP B 12 -19.77 -24.09 9.30
N VAL B 13 -19.34 -23.16 10.16
CA VAL B 13 -19.83 -21.77 10.07
C VAL B 13 -18.77 -20.78 9.55
N GLN B 14 -17.64 -21.30 9.09
CA GLN B 14 -16.53 -20.54 8.52
C GLN B 14 -16.97 -19.69 7.33
N LYS B 15 -17.75 -20.28 6.40
CA LYS B 15 -18.27 -19.62 5.21
C LYS B 15 -19.17 -18.44 5.61
N HIS B 16 -20.01 -18.63 6.63
CA HIS B 16 -20.92 -17.61 7.15
C HIS B 16 -20.16 -16.44 7.74
N ILE B 17 -19.16 -16.73 8.59
CA ILE B 17 -18.35 -15.69 9.23
C ILE B 17 -17.53 -14.94 8.19
N ASN B 18 -17.04 -15.65 7.16
CA ASN B 18 -16.27 -15.02 6.09
C ASN B 18 -17.14 -13.95 5.39
N LYS B 19 -18.42 -14.30 5.09
CA LYS B 19 -19.43 -13.45 4.45
C LYS B 19 -19.74 -12.24 5.33
N LEU B 20 -19.83 -12.42 6.66
CA LEU B 20 -20.07 -11.35 7.65
C LEU B 20 -18.90 -10.34 7.60
N CYS B 21 -17.65 -10.85 7.50
CA CYS B 21 -16.48 -9.99 7.33
C CYS B 21 -16.63 -9.18 6.02
N GLY B 22 -16.99 -9.87 4.93
CA GLY B 22 -17.16 -9.28 3.61
C GLY B 22 -18.22 -8.22 3.54
N MET B 23 -19.32 -8.43 4.31
CA MET B 23 -20.42 -7.47 4.39
C MET B 23 -19.96 -6.16 4.99
N LEU B 24 -19.08 -6.20 6.02
CA LEU B 24 -18.51 -4.99 6.62
C LEU B 24 -17.52 -4.32 5.65
N LEU B 25 -16.71 -5.13 4.92
CA LEU B 25 -15.74 -4.63 3.96
C LEU B 25 -16.36 -3.91 2.77
N ILE B 26 -17.57 -4.28 2.36
CA ILE B 26 -18.23 -3.58 1.25
C ILE B 26 -19.05 -2.38 1.73
N THR B 27 -19.22 -2.20 3.06
CA THR B 27 -20.02 -1.10 3.61
C THR B 27 -19.28 0.21 3.68
N GLU B 28 -19.82 1.21 2.96
CA GLU B 28 -19.31 2.58 2.95
C GLU B 28 -19.48 3.12 4.36
N ASP B 29 -18.38 3.66 4.94
CA ASP B 29 -18.35 4.23 6.28
C ASP B 29 -18.94 3.23 7.31
N ALA B 30 -18.47 1.96 7.21
CA ALA B 30 -18.89 0.85 8.07
C ALA B 30 -18.57 1.13 9.55
N ASN B 31 -19.45 0.66 10.46
CA ASN B 31 -19.19 0.78 11.89
C ASN B 31 -18.42 -0.50 12.27
N HIS B 32 -17.15 -0.31 12.63
CA HIS B 32 -16.26 -1.40 12.93
C HIS B 32 -16.17 -1.77 14.40
N LYS B 33 -17.17 -1.38 15.22
CA LYS B 33 -17.23 -1.67 16.65
C LYS B 33 -17.14 -3.18 16.95
N PHE B 34 -17.70 -4.03 16.07
CA PHE B 34 -17.71 -5.48 16.28
C PHE B 34 -16.75 -6.29 15.42
N THR B 35 -15.94 -5.61 14.59
CA THR B 35 -15.01 -6.22 13.65
C THR B 35 -13.94 -7.04 14.35
N GLY B 36 -13.41 -6.54 15.47
CA GLY B 36 -12.41 -7.26 16.26
C GLY B 36 -12.93 -8.63 16.69
N LEU B 37 -14.18 -8.66 17.18
CA LEU B 37 -14.84 -9.88 17.62
C LEU B 37 -15.14 -10.81 16.45
N ILE B 38 -15.71 -10.27 15.36
CA ILE B 38 -16.04 -11.02 14.15
C ILE B 38 -14.79 -11.65 13.53
N GLY B 39 -13.70 -10.88 13.49
CA GLY B 39 -12.41 -11.37 13.01
C GLY B 39 -11.91 -12.54 13.83
N MET B 40 -12.04 -12.43 15.16
CA MET B 40 -11.66 -13.47 16.10
C MET B 40 -12.51 -14.72 15.99
N LEU B 41 -13.80 -14.54 15.69
CA LEU B 41 -14.72 -15.65 15.44
C LEU B 41 -14.29 -16.37 14.16
N TYR B 42 -13.89 -15.62 13.11
CA TYR B 42 -13.39 -16.21 11.87
C TYR B 42 -12.16 -17.08 12.15
N ALA B 43 -11.17 -16.56 12.91
CA ALA B 43 -9.96 -17.29 13.28
C ALA B 43 -10.28 -18.59 13.99
N MET B 44 -11.24 -18.57 14.95
CA MET B 44 -11.68 -19.75 15.70
C MET B 44 -12.37 -20.79 14.81
N SER B 45 -13.18 -20.34 13.81
CA SER B 45 -13.85 -21.25 12.86
C SER B 45 -12.83 -21.91 11.93
N ARG B 46 -11.67 -21.24 11.72
CA ARG B 46 -10.57 -21.76 10.90
C ARG B 46 -9.80 -22.80 11.68
N LEU B 47 -9.68 -22.57 12.99
CA LEU B 47 -9.00 -23.52 13.87
C LEU B 47 -9.90 -24.72 14.12
N GLY B 48 -11.22 -24.47 14.17
CA GLY B 48 -12.25 -25.44 14.50
C GLY B 48 -12.47 -25.44 16.01
N ARG B 49 -13.64 -25.86 16.45
CA ARG B 49 -14.07 -25.94 17.85
C ARG B 49 -13.10 -26.73 18.77
N GLU B 50 -12.71 -27.96 18.36
CA GLU B 50 -11.78 -28.82 19.12
C GLU B 50 -10.46 -28.17 19.45
N ASP B 51 -9.77 -27.63 18.43
CA ASP B 51 -8.48 -26.94 18.60
C ASP B 51 -8.60 -25.67 19.41
N THR B 52 -9.71 -24.90 19.22
CA THR B 52 -9.96 -23.67 19.98
C THR B 52 -10.06 -23.96 21.48
N ILE B 53 -10.89 -24.93 21.86
CA ILE B 53 -11.08 -25.32 23.27
C ILE B 53 -9.77 -25.82 23.87
N LYS B 54 -8.99 -26.57 23.07
CA LYS B 54 -7.68 -27.11 23.45
C LYS B 54 -6.70 -25.98 23.76
N ILE B 55 -6.61 -24.96 22.87
CA ILE B 55 -5.74 -23.80 23.04
C ILE B 55 -6.08 -23.06 24.34
N LEU B 56 -7.38 -22.77 24.53
CA LEU B 56 -7.89 -22.04 25.65
C LEU B 56 -7.63 -22.75 26.98
N ARG B 57 -7.91 -24.07 27.07
CA ARG B 57 -7.68 -24.90 28.26
C ARG B 57 -6.17 -25.02 28.56
N ASP B 58 -5.35 -25.18 27.52
CA ASP B 58 -3.90 -25.28 27.65
C ASP B 58 -3.29 -23.96 28.11
N ALA B 59 -3.87 -22.82 27.68
CA ALA B 59 -3.43 -21.49 28.09
C ALA B 59 -3.85 -21.14 29.53
N GLY B 60 -4.59 -22.05 30.20
CA GLY B 60 -5.04 -21.88 31.58
C GLY B 60 -6.39 -21.25 31.76
N TYR B 61 -7.09 -20.90 30.67
CA TYR B 61 -8.43 -20.29 30.74
C TYR B 61 -9.47 -21.39 31.00
N HIS B 62 -10.50 -21.10 31.80
CA HIS B 62 -11.59 -22.05 32.05
C HIS B 62 -12.65 -21.67 31.02
N VAL B 63 -13.09 -22.63 30.20
CA VAL B 63 -13.97 -22.24 29.08
C VAL B 63 -15.31 -22.97 29.05
N LYS B 64 -16.40 -22.18 29.02
CA LYS B 64 -17.78 -22.64 28.90
C LYS B 64 -18.08 -22.46 27.42
N ALA B 65 -17.87 -23.55 26.64
CA ALA B 65 -18.05 -23.53 25.20
C ALA B 65 -19.52 -23.42 24.73
N ASN B 66 -19.79 -22.39 23.90
CA ASN B 66 -21.12 -22.16 23.30
C ASN B 66 -21.08 -22.62 21.83
N GLY B 67 -21.97 -23.55 21.48
CA GLY B 67 -22.13 -24.06 20.13
C GLY B 67 -22.66 -22.98 19.19
N VAL B 68 -22.05 -22.86 18.00
CA VAL B 68 -22.44 -21.84 17.02
C VAL B 68 -23.15 -22.48 15.82
N ASP B 69 -24.43 -22.15 15.63
CA ASP B 69 -25.25 -22.69 14.55
C ASP B 69 -25.86 -21.57 13.72
N VAL B 70 -26.24 -21.88 12.47
CA VAL B 70 -26.90 -20.94 11.58
C VAL B 70 -28.41 -21.10 11.75
N THR B 71 -29.11 -19.99 12.02
CA THR B 71 -30.57 -19.95 12.17
C THR B 71 -31.18 -18.89 11.26
N THR B 72 -32.44 -19.11 10.82
CA THR B 72 -33.18 -18.19 9.96
C THR B 72 -34.05 -17.32 10.86
N HIS B 73 -33.83 -16.01 10.79
CA HIS B 73 -34.57 -15.02 11.56
C HIS B 73 -35.43 -14.18 10.65
N ARG B 74 -36.72 -14.10 10.97
CA ARG B 74 -37.71 -13.33 10.24
C ARG B 74 -37.85 -11.97 10.90
N GLN B 75 -37.65 -10.88 10.12
CA GLN B 75 -37.72 -9.51 10.64
C GLN B 75 -38.31 -8.53 9.63
N ASP B 76 -39.16 -7.62 10.14
CA ASP B 76 -39.89 -6.60 9.38
C ASP B 76 -39.03 -5.34 9.24
N LYS B 83 -36.16 -12.52 5.56
CA LYS B 83 -35.50 -13.68 6.13
C LYS B 83 -34.01 -13.47 6.15
N PHE B 84 -33.40 -13.60 7.33
CA PHE B 84 -31.96 -13.41 7.51
C PHE B 84 -31.33 -14.63 8.08
N GLU B 85 -30.15 -14.98 7.56
CA GLU B 85 -29.36 -16.09 8.09
C GLU B 85 -28.44 -15.49 9.14
N VAL B 86 -28.60 -15.91 10.40
CA VAL B 86 -27.81 -15.39 11.52
C VAL B 86 -27.09 -16.52 12.29
N LEU B 87 -26.06 -16.18 13.07
CA LEU B 87 -25.37 -17.15 13.88
C LEU B 87 -25.81 -17.03 15.33
N THR B 88 -25.90 -18.15 16.03
CA THR B 88 -26.28 -18.17 17.45
C THR B 88 -25.01 -17.85 18.24
N LEU B 89 -24.84 -16.57 18.56
CA LEU B 89 -23.65 -16.05 19.26
C LEU B 89 -24.03 -15.31 20.54
N ALA B 90 -23.45 -15.74 21.67
CA ALA B 90 -23.70 -15.09 22.96
C ALA B 90 -23.05 -13.68 22.95
N SER B 91 -21.95 -13.53 22.19
CA SER B 91 -21.17 -12.31 22.05
C SER B 91 -21.70 -11.29 21.00
N LEU B 92 -22.60 -11.73 20.08
CA LEU B 92 -23.12 -10.88 19.00
C LEU B 92 -24.62 -11.11 18.76
N THR B 93 -25.47 -10.13 19.11
CA THR B 93 -26.94 -10.21 18.96
C THR B 93 -27.41 -10.37 17.51
N THR B 94 -28.63 -10.91 17.35
CA THR B 94 -29.33 -11.10 16.08
C THR B 94 -29.52 -9.74 15.41
N GLU B 95 -29.92 -8.71 16.20
CA GLU B 95 -30.12 -7.33 15.80
C GLU B 95 -28.87 -6.75 15.13
N ILE B 96 -27.69 -6.88 15.78
CA ILE B 96 -26.40 -6.38 15.27
C ILE B 96 -26.05 -7.03 13.92
N GLN B 97 -26.19 -8.37 13.86
CA GLN B 97 -25.91 -9.15 12.66
C GLN B 97 -26.77 -8.73 11.49
N ILE B 98 -28.09 -8.57 11.73
CA ILE B 98 -29.06 -8.17 10.72
C ILE B 98 -28.77 -6.75 10.21
N ASN B 99 -28.43 -5.81 11.12
CA ASN B 99 -28.09 -4.43 10.76
C ASN B 99 -26.82 -4.34 9.92
N ILE B 100 -25.86 -5.26 10.16
CA ILE B 100 -24.66 -5.36 9.34
C ILE B 100 -25.09 -5.74 7.91
N GLU B 101 -25.99 -6.76 7.79
CA GLU B 101 -26.49 -7.21 6.48
C GLU B 101 -27.28 -6.11 5.75
N ILE B 102 -28.19 -5.39 6.49
CA ILE B 102 -29.00 -4.31 5.91
C ILE B 102 -28.11 -3.23 5.27
N GLU B 103 -27.15 -2.70 6.06
CA GLU B 103 -26.22 -1.66 5.62
C GLU B 103 -25.36 -2.09 4.43
N SER B 104 -24.90 -3.36 4.41
CA SER B 104 -24.10 -3.88 3.30
C SER B 104 -24.91 -4.05 2.03
N ARG B 105 -26.19 -4.45 2.14
CA ARG B 105 -27.10 -4.57 0.99
C ARG B 105 -27.30 -3.19 0.32
N LYS B 106 -27.34 -2.11 1.13
CA LYS B 106 -27.45 -0.72 0.66
C LYS B 106 -26.18 -0.34 -0.16
N SER B 107 -24.99 -0.68 0.38
CA SER B 107 -23.70 -0.42 -0.28
C SER B 107 -23.49 -1.28 -1.56
N TYR B 108 -24.03 -2.52 -1.55
CA TYR B 108 -24.00 -3.44 -2.68
C TYR B 108 -24.80 -2.89 -3.84
N LYS B 109 -26.04 -2.41 -3.55
CA LYS B 109 -26.93 -1.88 -4.57
C LYS B 109 -26.36 -0.64 -5.24
N LYS B 110 -25.64 0.20 -4.46
CA LYS B 110 -24.96 1.42 -4.92
C LYS B 110 -23.86 1.02 -5.92
N MET B 111 -23.16 -0.09 -5.60
CA MET B 111 -22.07 -0.66 -6.40
C MET B 111 -22.57 -1.25 -7.71
N LEU B 112 -23.63 -2.08 -7.65
CA LEU B 112 -24.23 -2.71 -8.83
C LEU B 112 -24.78 -1.68 -9.86
N LYS B 113 -25.38 -0.58 -9.38
CA LYS B 113 -25.89 0.50 -10.21
C LYS B 113 -24.75 1.19 -10.97
N GLU B 114 -23.72 1.65 -10.22
CA GLU B 114 -22.53 2.36 -10.71
C GLU B 114 -21.76 1.67 -11.81
N MET B 115 -21.38 0.40 -11.60
CA MET B 115 -20.57 -0.36 -12.55
C MET B 115 -21.25 -1.56 -13.22
N GLY B 116 -22.54 -1.76 -13.01
CA GLY B 116 -23.24 -2.93 -13.54
C GLY B 116 -22.88 -4.12 -12.67
N GLU B 117 -22.81 -5.33 -13.26
CA GLU B 117 -22.42 -6.57 -12.54
C GLU B 117 -21.18 -6.37 -11.65
N VAL B 118 -21.29 -6.74 -10.34
CA VAL B 118 -20.20 -6.63 -9.38
C VAL B 118 -19.27 -7.81 -9.52
N ALA B 119 -17.99 -7.51 -9.80
CA ALA B 119 -16.93 -8.47 -10.03
C ALA B 119 -16.67 -9.30 -8.78
N PRO B 120 -16.28 -10.60 -8.91
CA PRO B 120 -16.05 -11.44 -7.73
C PRO B 120 -15.24 -10.81 -6.59
N GLU B 121 -14.15 -10.11 -6.96
CA GLU B 121 -13.21 -9.49 -6.02
C GLU B 121 -13.78 -8.30 -5.25
N TYR B 122 -14.91 -7.76 -5.67
CA TYR B 122 -15.54 -6.61 -5.02
C TYR B 122 -16.75 -7.01 -4.17
N ARG B 123 -17.08 -8.32 -4.15
CA ARG B 123 -18.22 -8.88 -3.43
C ARG B 123 -17.89 -9.17 -1.98
N HIS B 124 -18.95 -9.24 -1.15
CA HIS B 124 -18.95 -9.55 0.29
C HIS B 124 -18.64 -11.02 0.52
N ASP B 125 -18.81 -11.89 -0.50
CA ASP B 125 -18.58 -13.33 -0.33
C ASP B 125 -17.27 -13.85 -0.97
N SER B 126 -16.31 -12.94 -1.27
CA SER B 126 -15.01 -13.33 -1.80
C SER B 126 -14.37 -14.22 -0.71
N PRO B 127 -13.81 -15.39 -1.10
CA PRO B 127 -13.25 -16.29 -0.08
C PRO B 127 -12.18 -15.68 0.81
N ASP B 128 -11.55 -14.56 0.38
CA ASP B 128 -10.46 -13.94 1.14
C ASP B 128 -10.87 -12.80 2.11
N CYS B 129 -12.19 -12.56 2.32
CA CYS B 129 -12.68 -11.46 3.19
C CYS B 129 -12.30 -11.54 4.68
N GLY B 130 -12.47 -12.71 5.29
CA GLY B 130 -12.07 -12.93 6.67
C GLY B 130 -10.59 -12.68 6.89
N MET B 131 -9.75 -13.17 5.96
CA MET B 131 -8.30 -12.99 6.03
C MET B 131 -7.87 -11.54 5.89
N ILE B 132 -8.64 -10.72 5.14
CA ILE B 132 -8.34 -9.29 4.96
C ILE B 132 -8.46 -8.60 6.34
N ILE B 133 -9.49 -8.98 7.11
CA ILE B 133 -9.74 -8.47 8.44
C ILE B 133 -8.58 -8.92 9.36
N LEU B 134 -8.19 -10.19 9.27
CA LEU B 134 -7.13 -10.76 10.11
C LEU B 134 -5.76 -10.16 9.82
N CYS B 135 -5.57 -9.52 8.64
CA CYS B 135 -4.32 -8.82 8.31
C CYS B 135 -4.12 -7.59 9.22
N ILE B 136 -5.23 -6.91 9.56
CA ILE B 136 -5.16 -5.78 10.48
C ILE B 136 -4.80 -6.32 11.87
N ALA B 137 -5.44 -7.47 12.30
CA ALA B 137 -5.18 -8.15 13.59
C ALA B 137 -3.70 -8.48 13.71
N ALA B 138 -3.09 -8.95 12.60
CA ALA B 138 -1.66 -9.28 12.53
C ALA B 138 -0.80 -8.03 12.81
N LEU B 139 -1.23 -6.85 12.32
CA LEU B 139 -0.47 -5.61 12.53
C LEU B 139 -0.57 -5.15 13.99
N VAL B 140 -1.77 -5.22 14.58
CA VAL B 140 -2.04 -4.84 15.96
C VAL B 140 -1.22 -5.71 16.94
N ILE B 141 -1.21 -7.02 16.73
CA ILE B 141 -0.52 -8.00 17.54
C ILE B 141 0.97 -7.67 17.64
N THR B 142 1.59 -7.23 16.53
CA THR B 142 2.99 -6.81 16.42
C THR B 142 3.25 -5.65 17.39
N LYS B 143 2.36 -4.64 17.37
CA LYS B 143 2.48 -3.44 18.20
C LYS B 143 2.08 -3.63 19.65
N LEU B 144 1.41 -4.74 19.99
CA LEU B 144 0.93 -4.97 21.34
C LEU B 144 2.00 -5.26 22.40
N ALA B 145 3.27 -5.42 22.00
CA ALA B 145 4.40 -5.60 22.91
C ALA B 145 4.53 -4.38 23.85
N ALA B 146 4.24 -3.17 23.28
CA ALA B 146 4.27 -1.84 23.94
C ALA B 146 3.39 -1.72 25.20
N GLY B 147 2.26 -2.43 25.22
CA GLY B 147 1.31 -2.43 26.33
C GLY B 147 0.20 -1.41 26.20
N ASP B 148 0.35 -0.45 25.27
CA ASP B 148 -0.62 0.61 25.02
C ASP B 148 -1.06 0.67 23.55
N ARG B 149 -1.85 1.70 23.18
CA ARG B 149 -2.36 1.91 21.82
C ARG B 149 -1.48 2.89 21.03
N SER B 150 -0.23 3.06 21.49
CA SER B 150 0.78 3.97 20.90
C SER B 150 1.14 3.66 19.45
N GLY B 151 1.20 2.37 19.14
CA GLY B 151 1.56 1.88 17.81
C GLY B 151 0.48 1.93 16.75
N LEU B 152 -0.71 2.55 17.07
CA LEU B 152 -1.85 2.69 16.16
C LEU B 152 -1.50 3.43 14.83
N THR B 153 -0.75 4.56 14.89
CA THR B 153 -0.36 5.29 13.69
C THR B 153 0.48 4.43 12.74
N ALA B 154 1.43 3.66 13.31
CA ALA B 154 2.30 2.75 12.56
C ALA B 154 1.49 1.63 11.95
N VAL B 155 0.40 1.20 12.63
CA VAL B 155 -0.47 0.16 12.11
C VAL B 155 -1.13 0.68 10.82
N ILE B 156 -1.72 1.89 10.86
CA ILE B 156 -2.37 2.56 9.72
C ILE B 156 -1.39 2.74 8.56
N ARG B 157 -0.16 3.27 8.82
CA ARG B 157 0.83 3.51 7.77
C ARG B 157 1.30 2.22 7.11
N ARG B 158 1.49 1.18 7.93
CA ARG B 158 1.86 -0.12 7.39
C ARG B 158 0.70 -0.81 6.62
N ALA B 159 -0.55 -0.71 7.10
CA ALA B 159 -1.74 -1.25 6.44
C ALA B 159 -1.95 -0.58 5.06
N ASN B 160 -1.92 0.75 5.03
CA ASN B 160 -2.09 1.58 3.84
C ASN B 160 -1.13 1.17 2.72
N ASN B 161 0.00 0.53 3.09
CA ASN B 161 1.04 0.06 2.15
C ASN B 161 0.85 -1.41 1.75
N VAL B 162 0.74 -2.29 2.73
CA VAL B 162 0.64 -3.72 2.49
C VAL B 162 -0.74 -4.13 1.93
N LEU B 163 -1.84 -3.44 2.32
CA LEU B 163 -3.19 -3.76 1.88
C LEU B 163 -3.77 -2.80 0.85
N LYS B 164 -2.89 -2.17 -0.01
CA LYS B 164 -3.23 -1.19 -1.06
C LYS B 164 -4.27 -1.76 -2.06
N ASN B 165 -4.09 -3.03 -2.54
CA ASN B 165 -5.00 -3.66 -3.51
C ASN B 165 -6.34 -3.95 -2.86
N GLU B 166 -6.31 -4.40 -1.59
CA GLU B 166 -7.49 -4.76 -0.80
C GLU B 166 -8.32 -3.55 -0.44
N MET B 167 -7.66 -2.40 -0.13
CA MET B 167 -8.30 -1.12 0.19
C MET B 167 -9.01 -0.58 -1.05
N LYS B 168 -8.42 -0.83 -2.24
CA LYS B 168 -8.96 -0.44 -3.54
C LYS B 168 -10.25 -1.22 -3.83
N ARG B 169 -10.27 -2.51 -3.44
CA ARG B 169 -11.40 -3.42 -3.60
C ARG B 169 -12.51 -3.16 -2.60
N TYR B 170 -12.17 -2.76 -1.35
CA TYR B 170 -13.16 -2.62 -0.30
C TYR B 170 -13.24 -1.24 0.37
N LYS B 171 -14.41 -0.56 0.17
CA LYS B 171 -14.73 0.75 0.74
C LYS B 171 -14.74 0.76 2.28
N GLY B 172 -15.15 -0.36 2.89
CA GLY B 172 -15.18 -0.54 4.34
C GLY B 172 -13.87 -0.98 4.97
N LEU B 173 -12.78 -1.14 4.17
CA LEU B 173 -11.47 -1.46 4.73
C LEU B 173 -10.88 -0.13 5.22
N LEU B 174 -11.21 0.19 6.50
CA LEU B 174 -10.82 1.42 7.20
C LEU B 174 -9.83 1.01 8.30
N PRO B 175 -8.50 1.07 7.98
CA PRO B 175 -7.49 0.58 8.95
C PRO B 175 -7.59 1.13 10.38
N LYS B 176 -7.79 2.44 10.55
CA LYS B 176 -7.90 3.08 11.87
C LYS B 176 -9.00 2.46 12.73
N ASP B 177 -10.22 2.32 12.17
CA ASP B 177 -11.37 1.73 12.84
C ASP B 177 -11.19 0.26 13.14
N ILE B 178 -10.68 -0.50 12.16
CA ILE B 178 -10.46 -1.94 12.33
C ILE B 178 -9.37 -2.19 13.39
N ALA B 179 -8.23 -1.46 13.33
CA ALA B 179 -7.13 -1.59 14.32
C ALA B 179 -7.60 -1.26 15.72
N ASN B 180 -8.42 -0.19 15.87
CA ASN B 180 -8.99 0.19 17.16
C ASN B 180 -9.88 -0.95 17.71
N SER B 181 -10.70 -1.57 16.83
CA SER B 181 -11.57 -2.69 17.21
C SER B 181 -10.77 -3.88 17.69
N PHE B 182 -9.59 -4.15 17.05
CA PHE B 182 -8.73 -5.27 17.48
C PHE B 182 -8.03 -4.96 18.80
N TYR B 183 -7.53 -3.71 18.96
CA TYR B 183 -6.88 -3.25 20.19
C TYR B 183 -7.87 -3.46 21.34
N GLU B 184 -9.12 -3.01 21.15
CA GLU B 184 -10.22 -3.16 22.08
C GLU B 184 -10.47 -4.64 22.46
N VAL B 185 -10.64 -5.54 21.46
CA VAL B 185 -10.90 -6.97 21.75
C VAL B 185 -9.71 -7.66 22.46
N PHE B 186 -8.45 -7.36 22.11
CA PHE B 186 -7.31 -7.99 22.75
C PHE B 186 -7.10 -7.49 24.19
N GLU B 187 -7.49 -6.22 24.46
CA GLU B 187 -7.44 -5.61 25.80
C GLU B 187 -8.52 -6.22 26.68
N LYS B 188 -9.76 -6.22 26.18
CA LYS B 188 -10.94 -6.74 26.86
C LYS B 188 -10.94 -8.26 27.03
N HIS B 189 -10.53 -9.01 25.98
CA HIS B 189 -10.49 -10.48 25.98
C HIS B 189 -9.10 -11.02 25.63
N PRO B 190 -8.13 -10.94 26.58
CA PRO B 190 -6.75 -11.41 26.27
C PRO B 190 -6.60 -12.86 25.78
N HIS B 191 -7.60 -13.74 26.05
CA HIS B 191 -7.56 -15.13 25.56
C HIS B 191 -7.56 -15.18 24.01
N PHE B 192 -8.03 -14.09 23.35
CA PHE B 192 -8.02 -13.99 21.89
C PHE B 192 -6.62 -13.84 21.34
N ILE B 193 -5.68 -13.31 22.14
CA ILE B 193 -4.30 -13.18 21.73
C ILE B 193 -3.73 -14.59 21.52
N ASP B 194 -3.97 -15.52 22.46
CA ASP B 194 -3.50 -16.91 22.37
C ASP B 194 -4.10 -17.63 21.19
N VAL B 195 -5.41 -17.43 20.95
CA VAL B 195 -6.12 -18.01 19.82
C VAL B 195 -5.52 -17.48 18.50
N PHE B 196 -5.34 -16.15 18.40
CA PHE B 196 -4.79 -15.53 17.21
C PHE B 196 -3.41 -16.04 16.89
N VAL B 197 -2.52 -16.12 17.90
CA VAL B 197 -1.14 -16.57 17.74
C VAL B 197 -1.08 -18.02 17.21
N HIS B 198 -1.86 -18.96 17.82
CA HIS B 198 -1.95 -20.35 17.33
C HIS B 198 -2.53 -20.39 15.92
N PHE B 199 -3.55 -19.56 15.62
CA PHE B 199 -4.12 -19.47 14.29
C PHE B 199 -3.01 -19.06 13.28
N GLY B 200 -2.29 -17.99 13.62
CA GLY B 200 -1.22 -17.44 12.78
C GLY B 200 -0.07 -18.41 12.54
N ILE B 201 0.36 -19.16 13.57
CA ILE B 201 1.42 -20.17 13.44
C ILE B 201 0.94 -21.27 12.48
N ALA B 202 -0.29 -21.76 12.65
CA ALA B 202 -0.86 -22.81 11.82
C ALA B 202 -1.08 -22.36 10.39
N GLN B 203 -1.58 -21.11 10.23
CA GLN B 203 -1.86 -20.54 8.90
C GLN B 203 -0.58 -20.36 8.10
N SER B 204 0.44 -19.73 8.68
CA SER B 204 1.69 -19.38 8.02
C SER B 204 2.52 -20.57 7.59
N SER B 205 2.04 -21.78 7.91
CA SER B 205 2.67 -23.01 7.48
C SER B 205 2.06 -23.49 6.16
N THR B 206 0.77 -23.21 5.94
CA THR B 206 0.07 -23.54 4.69
C THR B 206 0.71 -22.80 3.49
N ARG B 207 0.51 -23.32 2.28
CA ARG B 207 0.97 -22.64 1.07
C ARG B 207 -0.17 -22.74 0.04
N GLY B 208 -0.67 -21.58 -0.40
CA GLY B 208 -1.79 -21.55 -1.32
C GLY B 208 -1.78 -20.36 -2.25
N GLY B 209 -2.69 -20.39 -3.20
CA GLY B 209 -2.80 -19.35 -4.21
C GLY B 209 -3.46 -18.06 -3.81
N SER B 210 -3.89 -17.90 -2.55
CA SER B 210 -4.54 -16.64 -2.21
C SER B 210 -3.55 -15.58 -1.89
N ARG B 211 -3.68 -14.44 -2.54
CA ARG B 211 -2.83 -13.27 -2.36
C ARG B 211 -2.83 -12.82 -0.88
N VAL B 212 -4.03 -12.70 -0.30
CA VAL B 212 -4.27 -12.26 1.06
C VAL B 212 -3.70 -13.24 2.06
N GLU B 213 -3.79 -14.56 1.83
CA GLU B 213 -3.22 -15.58 2.73
C GLU B 213 -1.69 -15.38 2.79
N GLY B 214 -1.12 -15.00 1.64
CA GLY B 214 0.29 -14.68 1.53
C GLY B 214 0.68 -13.41 2.27
N ILE B 215 -0.14 -12.38 2.16
CA ILE B 215 0.11 -11.11 2.85
C ILE B 215 0.03 -11.38 4.37
N PHE B 216 -1.00 -12.10 4.80
CA PHE B 216 -1.15 -12.41 6.21
C PHE B 216 0.09 -13.12 6.74
N ALA B 217 0.58 -14.18 6.04
CA ALA B 217 1.76 -14.94 6.47
C ALA B 217 2.98 -14.04 6.67
N GLY B 218 3.21 -13.10 5.73
CA GLY B 218 4.31 -12.16 5.78
C GLY B 218 4.18 -11.23 6.95
N LEU B 219 2.96 -10.68 7.17
CA LEU B 219 2.65 -9.78 8.28
C LEU B 219 2.81 -10.45 9.63
N PHE B 220 2.32 -11.71 9.76
CA PHE B 220 2.43 -12.47 10.99
C PHE B 220 3.91 -12.77 11.34
N MET B 221 4.71 -13.22 10.33
CA MET B 221 6.13 -13.52 10.48
C MET B 221 6.94 -12.30 10.96
N ASN B 222 6.52 -11.09 10.56
CA ASN B 222 7.11 -9.80 10.95
C ASN B 222 7.04 -9.48 12.45
N ALA B 223 6.03 -9.98 13.16
CA ALA B 223 5.89 -9.78 14.60
C ALA B 223 7.02 -10.44 15.47
N TYR B 224 7.96 -11.18 14.82
CA TYR B 224 9.15 -11.81 15.37
C TYR B 224 10.41 -10.98 15.00
N GLY B 225 10.32 -9.99 14.09
CA GLY B 225 11.40 -9.03 13.87
C GLY B 225 11.90 -8.66 12.50
N LEU B 226 11.08 -8.89 11.42
CA LEU B 226 11.50 -8.68 10.00
C LEU B 226 11.28 -7.23 9.39
N GLU B 227 10.90 -6.22 10.23
CA GLU B 227 10.70 -4.79 9.89
C GLU B 227 9.81 -4.55 8.63
F MZS C . -0.08 16.90 -4.90
C2 MZS C . -0.24 18.19 -4.52
C1 MZS C . -0.81 18.44 -3.30
C3 MZS C . 0.22 19.19 -5.33
C4 MZS C . 0.13 20.49 -4.88
C5 MZS C . -0.45 20.79 -3.66
C MZS C . -0.95 19.75 -2.89
C6 MZS C . -0.55 22.22 -3.17
N MZS C . -0.20 22.37 -1.76
N1 MZS C . -1.14 22.06 -0.82
C9 MZS C . -0.56 22.39 0.35
C10 MZS C . -1.28 22.39 1.70
O1 MZS C . -0.58 22.10 2.70
O MZS C . -2.49 22.73 1.73
C8 MZS C . 0.74 22.86 0.17
C7 MZS C . 0.94 22.88 -1.19
C11 MZS C . 2.17 23.46 -1.91
O2 MZS C . 2.03 24.01 -3.03
O3 MZS C . 3.25 23.39 -1.28
H1 MZS C . -1.15 17.63 -2.66
H3 MZS C . 0.60 18.92 -6.33
H MZS C . -1.52 19.94 -1.98
H4 MZS C . 0.56 21.29 -5.50
H61C MZS C . 0.04 22.88 -3.80
H62C MZS C . -1.58 22.54 -3.29
H8 MZS C . 1.45 23.17 0.93
S SO4 D . 17.24 13.16 6.18
O1 SO4 D . 18.09 11.98 6.43
O2 SO4 D . 17.89 14.40 6.60
O3 SO4 D . 16.90 13.27 4.75
O4 SO4 D . 16.01 13.03 6.98
S SO4 E . -2.77 29.05 -21.15
O1 SO4 E . -1.68 28.46 -21.93
O2 SO4 E . -2.35 29.15 -19.78
O3 SO4 E . -3.07 30.41 -21.58
O4 SO4 E . -3.96 28.19 -21.24
#